data_5D0E
#
_entry.id   5D0E
#
_cell.length_a   52.590
_cell.length_b   55.710
_cell.length_c   55.270
_cell.angle_alpha   90.00
_cell.angle_beta   109.74
_cell.angle_gamma   90.00
#
_symmetry.space_group_name_H-M   'P 1 21 1'
#
loop_
_entity.id
_entity.type
_entity.pdbx_description
1 polymer Cyclase
2 non-polymer 'CALCIUM ION'
3 non-polymer "GUANOSINE-5'-TRIPHOSPHATE"
4 non-polymer 'CHLORIDE ION'
5 water water
#
_entity_poly.entity_id   1
_entity_poly.type   'polypeptide(L)'
_entity_poly.pdbx_seq_one_letter_code
;FQGAMGSRVVILFTDIEESTALNERIGDRAWVKLISSHDKLVSDLVRRQSGHVVKSQGDGFMVAFARPEQAVRCGIELQR
ALRRNANRKRHEEIRVRIGIHMGRSVRRGDDLFGRNVAMAARVAAQAAGGEILVSQPVRDALSRSDGIRFDDGREVELKG
FSGTYRLFAVLASPDPG
;
_entity_poly.pdbx_strand_id   A,B
#
loop_
_chem_comp.id
_chem_comp.type
_chem_comp.name
_chem_comp.formula
CA non-polymer 'CALCIUM ION' 'Ca 2'
CL non-polymer 'CHLORIDE ION' 'Cl -1'
GTP non-polymer GUANOSINE-5'-TRIPHOSPHATE 'C10 H16 N5 O14 P3'
#
# COMPACT_ATOMS: atom_id res chain seq x y z
N ALA A 4 18.41 -11.73 0.56
CA ALA A 4 17.07 -12.19 0.25
C ALA A 4 16.94 -13.69 0.54
N MET A 5 15.86 -14.06 1.23
CA MET A 5 15.62 -15.45 1.61
C MET A 5 14.22 -15.91 1.23
N GLY A 6 14.01 -17.23 1.29
CA GLY A 6 12.72 -17.83 0.99
C GLY A 6 12.75 -18.61 -0.31
N SER A 7 11.56 -18.91 -0.83
CA SER A 7 11.44 -19.66 -2.08
C SER A 7 11.29 -18.71 -3.26
N ARG A 8 11.73 -19.16 -4.42
CA ARG A 8 11.61 -18.37 -5.64
C ARG A 8 10.13 -18.19 -5.99
N VAL A 9 9.75 -16.94 -6.26
CA VAL A 9 8.38 -16.64 -6.65
C VAL A 9 8.37 -15.46 -7.61
N VAL A 10 7.41 -15.44 -8.52
CA VAL A 10 7.19 -14.30 -9.40
C VAL A 10 6.09 -13.44 -8.80
N ILE A 11 6.40 -12.16 -8.56
CA ILE A 11 5.48 -11.25 -7.92
C ILE A 11 5.02 -10.19 -8.92
N LEU A 12 3.70 -10.08 -9.06
CA LEU A 12 3.08 -9.08 -9.91
C LEU A 12 2.28 -8.11 -9.03
N PHE A 13 2.48 -6.81 -9.27
CA PHE A 13 1.68 -5.78 -8.63
C PHE A 13 0.85 -5.06 -9.68
N THR A 14 -0.42 -4.82 -9.37
CA THR A 14 -1.25 -3.92 -10.16
C THR A 14 -1.51 -2.68 -9.33
N ASP A 15 -1.72 -1.55 -10.01
CA ASP A 15 -1.98 -0.29 -9.34
C ASP A 15 -2.77 0.60 -10.30
N ILE A 16 -3.96 1.03 -9.87
CA ILE A 16 -4.77 1.90 -10.70
C ILE A 16 -4.20 3.31 -10.73
N GLU A 17 -4.10 3.87 -11.92
CA GLU A 17 -3.57 5.22 -12.10
C GLU A 17 -4.56 6.26 -11.64
N GLU A 18 -4.14 7.12 -10.72
CA GLU A 18 -4.95 8.24 -10.22
C GLU A 18 -6.35 7.79 -9.78
N SER A 19 -6.40 6.77 -8.93
CA SER A 19 -7.68 6.23 -8.48
C SER A 19 -8.43 7.20 -7.59
N THR A 20 -7.69 8.02 -6.83
CA THR A 20 -8.32 8.97 -5.92
C THR A 20 -9.09 10.03 -6.71
N ALA A 21 -8.45 10.60 -7.72
CA ALA A 21 -9.10 11.61 -8.57
C ALA A 21 -10.35 11.01 -9.23
N LEU A 22 -10.25 9.77 -9.67
CA LEU A 22 -11.37 9.06 -10.26
C LEU A 22 -12.52 8.92 -9.26
N ASN A 23 -12.18 8.47 -8.06
CA ASN A 23 -13.15 8.31 -6.98
C ASN A 23 -13.86 9.63 -6.67
N GLU A 24 -13.09 10.71 -6.59
CA GLU A 24 -13.65 12.03 -6.30
C GLU A 24 -14.59 12.51 -7.40
N ARG A 25 -14.34 12.04 -8.62
CA ARG A 25 -15.10 12.48 -9.78
C ARG A 25 -16.47 11.81 -9.88
N ILE A 26 -16.51 10.50 -9.61
CA ILE A 26 -17.73 9.72 -9.79
C ILE A 26 -18.45 9.43 -8.47
N GLY A 27 -17.76 9.63 -7.35
CA GLY A 27 -18.36 9.43 -6.03
C GLY A 27 -18.23 8.02 -5.51
N ASP A 28 -18.45 7.84 -4.22
CA ASP A 28 -18.23 6.54 -3.56
C ASP A 28 -19.12 5.42 -4.08
N ARG A 29 -20.39 5.70 -4.35
N ARG A 29 -20.39 5.71 -4.34
CA ARG A 29 -21.31 4.67 -4.82
CA ARG A 29 -21.32 4.71 -4.83
C ARG A 29 -20.79 4.07 -6.13
C ARG A 29 -20.81 4.10 -6.13
N ALA A 30 -20.48 4.95 -7.09
CA ALA A 30 -20.00 4.50 -8.39
C ALA A 30 -18.61 3.86 -8.28
N TRP A 31 -17.77 4.41 -7.41
CA TRP A 31 -16.40 3.93 -7.24
C TRP A 31 -16.37 2.52 -6.65
N VAL A 32 -17.18 2.28 -5.63
CA VAL A 32 -17.24 0.96 -4.99
C VAL A 32 -17.74 -0.10 -5.97
N LYS A 33 -18.70 0.28 -6.81
CA LYS A 33 -19.19 -0.61 -7.85
C LYS A 33 -18.07 -0.94 -8.82
N LEU A 34 -17.32 0.10 -9.21
CA LEU A 34 -16.24 -0.04 -10.18
C LEU A 34 -15.11 -0.91 -9.65
N ILE A 35 -14.75 -0.71 -8.38
CA ILE A 35 -13.62 -1.44 -7.81
C ILE A 35 -13.99 -2.90 -7.55
N SER A 36 -15.26 -3.15 -7.25
CA SER A 36 -15.73 -4.52 -7.06
C SER A 36 -15.68 -5.28 -8.36
N SER A 37 -16.06 -4.63 -9.46
N SER A 37 -16.09 -4.63 -9.44
CA SER A 37 -16.04 -5.27 -10.77
CA SER A 37 -16.04 -5.21 -10.78
C SER A 37 -14.61 -5.45 -11.27
C SER A 37 -14.59 -5.51 -11.14
N HIS A 38 -13.72 -4.57 -10.83
CA HIS A 38 -12.30 -4.68 -11.15
C HIS A 38 -11.66 -5.84 -10.41
N ASP A 39 -12.00 -5.98 -9.13
CA ASP A 39 -11.50 -7.07 -8.31
C ASP A 39 -11.88 -8.41 -8.95
N LYS A 40 -13.12 -8.52 -9.41
CA LYS A 40 -13.60 -9.74 -10.04
C LYS A 40 -12.82 -10.04 -11.32
N LEU A 41 -12.59 -9.01 -12.11
CA LEU A 41 -11.86 -9.15 -13.37
C LEU A 41 -10.44 -9.65 -13.12
N VAL A 42 -9.72 -8.99 -12.22
CA VAL A 42 -8.35 -9.37 -11.90
C VAL A 42 -8.29 -10.79 -11.36
N SER A 43 -9.20 -11.12 -10.45
CA SER A 43 -9.23 -12.46 -9.85
C SER A 43 -9.38 -13.53 -10.92
N ASP A 44 -10.31 -13.31 -11.85
CA ASP A 44 -10.56 -14.30 -12.90
C ASP A 44 -9.34 -14.50 -13.80
N LEU A 45 -8.70 -13.39 -14.19
CA LEU A 45 -7.56 -13.46 -15.11
C LEU A 45 -6.34 -14.08 -14.43
N VAL A 46 -6.15 -13.77 -13.15
CA VAL A 46 -5.07 -14.36 -12.37
C VAL A 46 -5.23 -15.89 -12.33
N ARG A 47 -6.44 -16.35 -12.07
CA ARG A 47 -6.70 -17.78 -11.96
C ARG A 47 -6.50 -18.51 -13.29
N ARG A 48 -6.75 -17.82 -14.39
CA ARG A 48 -6.57 -18.41 -15.72
C ARG A 48 -5.10 -18.74 -16.00
N GLN A 49 -4.19 -17.97 -15.39
CA GLN A 49 -2.75 -18.19 -15.55
C GLN A 49 -2.15 -18.87 -14.32
N SER A 50 -3.00 -19.55 -13.56
CA SER A 50 -2.57 -20.32 -12.39
C SER A 50 -1.87 -19.46 -11.34
N GLY A 51 -2.26 -18.19 -11.26
CA GLY A 51 -1.74 -17.29 -10.26
C GLY A 51 -2.56 -17.33 -8.99
N HIS A 52 -2.09 -16.61 -7.97
CA HIS A 52 -2.80 -16.52 -6.71
C HIS A 52 -2.70 -15.10 -6.17
N VAL A 53 -3.85 -14.46 -5.98
CA VAL A 53 -3.88 -13.13 -5.40
C VAL A 53 -3.56 -13.28 -3.91
N VAL A 54 -2.44 -12.71 -3.49
CA VAL A 54 -2.01 -12.79 -2.10
C VAL A 54 -2.81 -11.81 -1.25
N LYS A 55 -2.89 -10.57 -1.71
CA LYS A 55 -3.64 -9.54 -0.99
C LYS A 55 -3.90 -8.33 -1.89
N SER A 56 -4.77 -7.43 -1.43
CA SER A 56 -5.06 -6.19 -2.14
C SER A 56 -4.26 -5.04 -1.54
N GLN A 57 -3.17 -4.68 -2.21
CA GLN A 57 -2.33 -3.57 -1.77
C GLN A 57 -2.78 -2.28 -2.44
N GLY A 58 -3.40 -1.40 -1.67
CA GLY A 58 -3.85 -0.11 -2.17
C GLY A 58 -5.01 -0.24 -3.14
N ASP A 59 -4.98 0.36 -4.31
CA ASP A 59 -6.08 0.21 -5.26
C ASP A 59 -5.65 -0.80 -6.29
N GLY A 60 -4.97 -1.78 -5.80
CA GLY A 60 -4.42 -2.81 -6.65
C GLY A 60 -4.25 -4.12 -5.90
N PHE A 61 -3.42 -5.00 -6.46
CA PHE A 61 -3.25 -6.34 -5.91
C PHE A 61 -1.81 -6.79 -5.99
N MET A 62 -1.42 -7.62 -5.03
CA MET A 62 -0.17 -8.36 -5.08
C MET A 62 -0.52 -9.79 -5.45
N VAL A 63 0.12 -10.30 -6.49
CA VAL A 63 -0.19 -11.61 -7.03
C VAL A 63 1.08 -12.46 -7.18
N ALA A 64 0.98 -13.73 -6.80
CA ALA A 64 2.10 -14.66 -6.89
C ALA A 64 1.90 -15.64 -8.04
N PHE A 65 2.96 -15.87 -8.80
CA PHE A 65 2.97 -16.88 -9.85
C PHE A 65 4.21 -17.75 -9.70
N ALA A 66 4.12 -19.00 -10.15
CA ALA A 66 5.27 -19.90 -10.12
C ALA A 66 6.26 -19.58 -11.24
N ARG A 67 5.74 -19.19 -12.39
CA ARG A 67 6.58 -18.98 -13.58
C ARG A 67 6.38 -17.58 -14.17
N PRO A 68 7.45 -16.97 -14.70
CA PRO A 68 7.32 -15.60 -15.22
C PRO A 68 6.38 -15.46 -16.41
N GLU A 69 6.31 -16.47 -17.27
CA GLU A 69 5.44 -16.38 -18.44
C GLU A 69 3.97 -16.28 -18.04
N GLN A 70 3.62 -16.93 -16.91
CA GLN A 70 2.27 -16.85 -16.38
C GLN A 70 1.93 -15.42 -15.96
N ALA A 71 2.85 -14.79 -15.23
CA ALA A 71 2.63 -13.43 -14.76
C ALA A 71 2.48 -12.47 -15.94
N VAL A 72 3.37 -12.59 -16.92
CA VAL A 72 3.34 -11.69 -18.06
C VAL A 72 2.07 -11.86 -18.88
N ARG A 73 1.67 -13.11 -19.11
CA ARG A 73 0.45 -13.38 -19.86
C ARG A 73 -0.77 -12.82 -19.13
N CYS A 74 -0.77 -12.92 -17.80
CA CYS A 74 -1.86 -12.35 -17.01
C CYS A 74 -1.92 -10.84 -17.20
N GLY A 75 -0.76 -10.19 -17.13
CA GLY A 75 -0.68 -8.75 -17.33
C GLY A 75 -1.18 -8.34 -18.69
N ILE A 76 -0.77 -9.09 -19.72
CA ILE A 76 -1.20 -8.81 -21.09
C ILE A 76 -2.71 -8.92 -21.21
N GLU A 77 -3.28 -9.98 -20.65
CA GLU A 77 -4.72 -10.18 -20.73
C GLU A 77 -5.49 -9.12 -19.92
N LEU A 78 -4.91 -8.67 -18.81
CA LEU A 78 -5.56 -7.64 -18.00
C LEU A 78 -5.62 -6.32 -18.75
N GLN A 79 -4.50 -5.92 -19.35
CA GLN A 79 -4.45 -4.67 -20.10
C GLN A 79 -5.42 -4.71 -21.27
N ARG A 80 -5.50 -5.87 -21.92
CA ARG A 80 -6.41 -6.05 -23.04
C ARG A 80 -7.86 -5.93 -22.60
N ALA A 81 -8.17 -6.50 -21.44
CA ALA A 81 -9.54 -6.47 -20.91
C ALA A 81 -9.95 -5.07 -20.51
N LEU A 82 -9.03 -4.31 -19.93
CA LEU A 82 -9.31 -2.94 -19.53
C LEU A 82 -9.54 -2.05 -20.76
N ARG A 83 -8.81 -2.34 -21.83
CA ARG A 83 -9.03 -1.63 -23.10
C ARG A 83 -10.41 -1.92 -23.65
N ARG A 84 -10.83 -3.18 -23.55
CA ARG A 84 -12.18 -3.57 -23.95
C ARG A 84 -13.22 -2.79 -23.17
N ASN A 85 -12.98 -2.60 -21.88
CA ASN A 85 -13.86 -1.78 -21.05
C ASN A 85 -13.75 -0.30 -21.43
N GLU A 92 -15.53 6.30 -16.65
CA GLU A 92 -15.38 5.04 -15.91
C GLU A 92 -14.15 4.27 -16.37
N GLU A 93 -13.26 4.95 -17.09
CA GLU A 93 -12.04 4.32 -17.59
C GLU A 93 -11.04 4.08 -16.48
N ILE A 94 -10.53 2.85 -16.41
CA ILE A 94 -9.50 2.48 -15.46
C ILE A 94 -8.22 2.13 -16.21
N ARG A 95 -7.16 2.86 -15.92
CA ARG A 95 -5.82 2.52 -16.41
C ARG A 95 -5.02 1.97 -15.24
N VAL A 96 -4.25 0.91 -15.48
CA VAL A 96 -3.49 0.27 -14.41
CA VAL A 96 -3.50 0.24 -14.42
C VAL A 96 -2.02 0.12 -14.78
N ARG A 97 -1.17 0.34 -13.80
CA ARG A 97 0.24 0.05 -13.92
C ARG A 97 0.44 -1.38 -13.50
N ILE A 98 1.28 -2.11 -14.22
CA ILE A 98 1.64 -3.46 -13.84
C ILE A 98 3.16 -3.60 -13.78
N GLY A 99 3.64 -4.14 -12.66
CA GLY A 99 5.06 -4.42 -12.47
C GLY A 99 5.28 -5.86 -12.09
N ILE A 100 6.32 -6.47 -12.64
CA ILE A 100 6.61 -7.87 -12.39
C ILE A 100 8.09 -8.05 -12.07
N HIS A 101 8.37 -8.79 -11.00
CA HIS A 101 9.72 -9.10 -10.58
C HIS A 101 9.71 -10.54 -10.09
N MET A 102 10.89 -11.15 -9.97
N MET A 102 10.90 -11.13 -9.97
CA MET A 102 10.97 -12.48 -9.39
CA MET A 102 11.02 -12.49 -9.47
C MET A 102 12.29 -12.67 -8.65
C MET A 102 12.28 -12.63 -8.62
N GLY A 103 12.23 -13.53 -7.65
CA GLY A 103 13.35 -13.77 -6.77
C GLY A 103 12.83 -14.44 -5.52
N ARG A 104 13.73 -14.70 -4.58
CA ARG A 104 13.34 -15.36 -3.34
C ARG A 104 12.58 -14.40 -2.43
N SER A 105 11.51 -14.92 -1.83
CA SER A 105 10.71 -14.16 -0.88
CA SER A 105 10.72 -14.16 -0.88
C SER A 105 10.17 -15.12 0.18
N VAL A 106 9.95 -14.60 1.37
CA VAL A 106 9.44 -15.41 2.48
C VAL A 106 7.92 -15.43 2.42
N ARG A 107 7.36 -16.64 2.28
CA ARG A 107 5.92 -16.83 2.22
C ARG A 107 5.42 -17.39 3.55
N ARG A 108 4.74 -16.56 4.33
CA ARG A 108 4.25 -16.97 5.64
C ARG A 108 2.93 -16.29 5.98
N GLY A 109 2.03 -17.03 6.60
CA GLY A 109 0.74 -16.51 7.02
C GLY A 109 -0.04 -15.87 5.88
N ASP A 110 -0.02 -16.52 4.72
CA ASP A 110 -0.74 -16.03 3.54
C ASP A 110 -0.25 -14.65 3.11
N ASP A 111 1.05 -14.40 3.27
CA ASP A 111 1.64 -13.13 2.86
C ASP A 111 3.04 -13.37 2.32
N LEU A 112 3.58 -12.39 1.61
CA LEU A 112 4.95 -12.42 1.11
C LEU A 112 5.75 -11.29 1.75
N PHE A 113 6.97 -11.61 2.15
CA PHE A 113 7.85 -10.64 2.81
C PHE A 113 9.22 -10.63 2.15
N GLY A 114 9.86 -9.46 2.17
CA GLY A 114 11.25 -9.37 1.78
C GLY A 114 11.53 -8.31 0.73
N ARG A 115 12.82 -8.10 0.48
CA ARG A 115 13.25 -7.04 -0.40
C ARG A 115 12.74 -7.20 -1.84
N ASN A 116 12.49 -8.43 -2.27
CA ASN A 116 12.01 -8.67 -3.62
C ASN A 116 10.53 -8.32 -3.79
N VAL A 117 9.79 -8.34 -2.68
CA VAL A 117 8.43 -7.83 -2.66
C VAL A 117 8.49 -6.33 -2.87
N ALA A 118 9.35 -5.67 -2.10
CA ALA A 118 9.55 -4.22 -2.22
C ALA A 118 9.99 -3.87 -3.63
N MET A 119 10.90 -4.67 -4.19
CA MET A 119 11.40 -4.42 -5.53
CA MET A 119 11.40 -4.38 -5.53
C MET A 119 10.27 -4.49 -6.55
N ALA A 120 9.44 -5.52 -6.44
CA ALA A 120 8.31 -5.68 -7.36
C ALA A 120 7.38 -4.46 -7.29
N ALA A 121 7.16 -3.95 -6.08
CA ALA A 121 6.30 -2.79 -5.89
C ALA A 121 6.89 -1.56 -6.56
N ARG A 122 8.21 -1.42 -6.48
CA ARG A 122 8.89 -0.29 -7.11
C ARG A 122 8.84 -0.39 -8.64
N VAL A 123 8.93 -1.61 -9.16
CA VAL A 123 8.83 -1.81 -10.60
C VAL A 123 7.45 -1.39 -11.09
N ALA A 124 6.40 -1.78 -10.36
CA ALA A 124 5.04 -1.38 -10.72
C ALA A 124 4.87 0.14 -10.67
N ALA A 125 5.47 0.78 -9.67
CA ALA A 125 5.37 2.22 -9.52
C ALA A 125 6.03 2.95 -10.69
N GLN A 126 7.04 2.34 -11.29
CA GLN A 126 7.74 2.93 -12.43
C GLN A 126 6.96 2.81 -13.73
N ALA A 127 6.01 1.89 -13.76
CA ALA A 127 5.25 1.63 -14.98
C ALA A 127 4.25 2.75 -15.26
N ALA A 128 4.07 3.07 -16.53
CA ALA A 128 3.03 4.00 -16.93
C ALA A 128 1.69 3.28 -16.86
N GLY A 129 0.61 4.03 -16.81
CA GLY A 129 -0.71 3.43 -16.91
C GLY A 129 -0.84 2.76 -18.26
N GLY A 130 -1.32 1.51 -18.26
CA GLY A 130 -1.44 0.75 -19.48
C GLY A 130 -0.19 -0.02 -19.83
N GLU A 131 0.86 0.14 -19.03
CA GLU A 131 2.15 -0.49 -19.30
C GLU A 131 2.39 -1.69 -18.38
N ILE A 132 3.10 -2.69 -18.92
CA ILE A 132 3.60 -3.80 -18.13
C ILE A 132 5.12 -3.71 -18.10
N LEU A 133 5.68 -3.45 -16.92
CA LEU A 133 7.12 -3.38 -16.73
C LEU A 133 7.63 -4.59 -15.99
N VAL A 134 8.75 -5.14 -16.43
CA VAL A 134 9.36 -6.28 -15.74
C VAL A 134 10.83 -5.99 -15.43
N SER A 135 11.33 -6.61 -14.36
CA SER A 135 12.73 -6.47 -13.98
C SER A 135 13.59 -7.33 -14.91
N GLN A 136 14.91 -7.13 -14.85
CA GLN A 136 15.80 -7.84 -15.74
C GLN A 136 15.77 -9.36 -15.52
N PRO A 137 15.66 -9.81 -14.26
CA PRO A 137 15.58 -11.26 -14.07
C PRO A 137 14.37 -11.88 -14.77
N VAL A 138 13.24 -11.17 -14.80
CA VAL A 138 12.06 -11.65 -15.50
C VAL A 138 12.31 -11.67 -17.00
N ARG A 139 12.86 -10.58 -17.54
CA ARG A 139 13.15 -10.49 -18.96
CA ARG A 139 13.20 -10.47 -18.95
C ARG A 139 14.10 -11.61 -19.38
N ASP A 140 15.14 -11.86 -18.59
CA ASP A 140 16.12 -12.89 -18.92
C ASP A 140 15.53 -14.30 -18.89
N ALA A 141 14.53 -14.50 -18.02
CA ALA A 141 13.92 -15.82 -17.88
C ALA A 141 13.01 -16.15 -19.06
N LEU A 142 12.61 -15.12 -19.81
CA LEU A 142 11.67 -15.28 -20.92
C LEU A 142 12.36 -15.11 -22.26
N SER A 143 13.68 -15.29 -22.28
CA SER A 143 14.46 -15.17 -23.51
C SER A 143 13.98 -16.12 -24.59
N ARG A 144 13.43 -17.26 -24.17
CA ARG A 144 12.92 -18.25 -25.12
C ARG A 144 11.63 -17.77 -25.75
N SER A 145 11.28 -18.35 -26.90
CA SER A 145 10.07 -17.97 -27.62
C SER A 145 8.80 -18.35 -26.87
N ASP A 146 8.49 -17.59 -25.82
CA ASP A 146 7.24 -17.77 -25.08
C ASP A 146 6.14 -16.90 -25.69
N GLY A 147 6.41 -16.35 -26.87
CA GLY A 147 5.47 -15.45 -27.52
C GLY A 147 5.38 -14.10 -26.86
N ILE A 148 6.48 -13.70 -26.20
CA ILE A 148 6.54 -12.44 -25.48
C ILE A 148 7.72 -11.61 -25.98
N ARG A 149 7.47 -10.35 -26.27
CA ARG A 149 8.48 -9.43 -26.77
C ARG A 149 8.63 -8.23 -25.84
N PHE A 150 9.85 -7.71 -25.73
CA PHE A 150 10.15 -6.59 -24.85
C PHE A 150 10.85 -5.47 -25.61
N ASP A 151 10.82 -4.27 -25.03
CA ASP A 151 11.63 -3.17 -25.55
C ASP A 151 13.07 -3.35 -25.10
N ASP A 152 13.91 -2.36 -25.37
CA ASP A 152 15.33 -2.46 -25.05
C ASP A 152 15.61 -2.08 -23.60
N GLY A 153 14.56 -1.73 -22.86
CA GLY A 153 14.67 -1.44 -21.45
C GLY A 153 15.05 0.00 -21.15
N ARG A 154 14.86 0.40 -19.89
CA ARG A 154 15.26 1.72 -19.43
C ARG A 154 15.85 1.62 -18.02
N GLU A 155 16.88 2.43 -17.77
CA GLU A 155 17.61 2.36 -16.52
C GLU A 155 17.10 3.43 -15.55
N VAL A 156 16.69 2.99 -14.37
CA VAL A 156 16.10 3.89 -13.38
C VAL A 156 16.62 3.62 -11.98
N GLU A 157 16.49 4.62 -11.11
CA GLU A 157 16.73 4.43 -9.69
C GLU A 157 15.43 4.04 -9.02
N LEU A 158 15.51 3.11 -8.06
CA LEU A 158 14.34 2.68 -7.31
C LEU A 158 14.52 3.04 -5.85
N LYS A 159 13.51 3.68 -5.28
CA LYS A 159 13.57 4.15 -3.90
C LYS A 159 13.86 3.01 -2.93
N GLY A 160 14.91 3.18 -2.13
CA GLY A 160 15.28 2.21 -1.12
C GLY A 160 16.38 1.27 -1.53
N PHE A 161 16.72 1.28 -2.83
CA PHE A 161 17.75 0.40 -3.37
C PHE A 161 18.91 1.22 -3.92
N SER A 162 20.12 0.69 -3.81
N SER A 162 20.13 0.69 -3.79
CA SER A 162 21.32 1.38 -4.26
CA SER A 162 21.31 1.38 -4.28
C SER A 162 21.64 1.07 -5.72
C SER A 162 21.48 1.12 -5.76
N GLY A 163 22.05 2.08 -6.47
CA GLY A 163 22.37 1.92 -7.89
C GLY A 163 21.15 2.06 -8.78
N THR A 164 21.28 1.56 -10.02
CA THR A 164 20.18 1.62 -10.98
C THR A 164 19.73 0.21 -11.37
N TYR A 165 18.56 0.15 -12.00
CA TYR A 165 17.98 -1.10 -12.46
C TYR A 165 17.39 -0.91 -13.85
N ARG A 166 17.57 -1.91 -14.70
CA ARG A 166 17.03 -1.87 -16.05
C ARG A 166 15.67 -2.57 -16.07
N LEU A 167 14.64 -1.83 -16.48
CA LEU A 167 13.27 -2.34 -16.52
C LEU A 167 12.79 -2.39 -17.96
N PHE A 168 12.10 -3.47 -18.31
CA PHE A 168 11.70 -3.74 -19.68
C PHE A 168 10.18 -3.74 -19.82
N ALA A 169 9.68 -2.99 -20.79
CA ALA A 169 8.25 -2.97 -21.09
C ALA A 169 7.88 -4.12 -22.03
N VAL A 170 6.77 -4.77 -21.75
CA VAL A 170 6.23 -5.79 -22.63
C VAL A 170 5.58 -5.13 -23.85
N LEU A 171 5.98 -5.58 -25.03
CA LEU A 171 5.39 -5.10 -26.28
C LEU A 171 4.34 -6.10 -26.73
N ALA A 172 3.08 -5.78 -26.48
CA ALA A 172 1.97 -6.67 -26.83
C ALA A 172 1.30 -6.22 -28.12
N MET B 5 -24.28 7.23 2.41
CA MET B 5 -23.56 6.06 1.95
C MET B 5 -22.32 5.82 2.81
N GLY B 6 -22.25 4.66 3.43
CA GLY B 6 -21.13 4.31 4.29
C GLY B 6 -21.42 4.60 5.74
N SER B 7 -20.73 3.90 6.63
CA SER B 7 -20.86 4.12 8.06
C SER B 7 -19.73 5.01 8.54
N ARG B 8 -20.00 5.86 9.52
CA ARG B 8 -18.98 6.72 10.10
C ARG B 8 -17.91 5.87 10.77
N VAL B 9 -16.65 6.18 10.49
CA VAL B 9 -15.54 5.43 11.07
C VAL B 9 -14.30 6.33 11.16
N VAL B 10 -13.45 6.06 12.15
CA VAL B 10 -12.18 6.74 12.27
C VAL B 10 -11.08 5.82 11.78
N ILE B 11 -10.37 6.26 10.76
CA ILE B 11 -9.34 5.43 10.12
C ILE B 11 -7.95 5.94 10.47
N LEU B 12 -7.13 5.02 10.96
CA LEU B 12 -5.74 5.31 11.28
C LEU B 12 -4.85 4.48 10.37
N PHE B 13 -3.90 5.14 9.71
CA PHE B 13 -2.90 4.46 8.90
C PHE B 13 -1.53 4.60 9.57
N THR B 14 -0.75 3.53 9.53
CA THR B 14 0.64 3.58 9.95
C THR B 14 1.50 3.27 8.73
N ASP B 15 2.75 3.73 8.75
CA ASP B 15 3.70 3.44 7.69
C ASP B 15 5.11 3.64 8.21
N ILE B 16 5.95 2.61 8.06
CA ILE B 16 7.34 2.73 8.49
C ILE B 16 8.11 3.62 7.52
N GLU B 17 8.88 4.55 8.08
CA GLU B 17 9.69 5.45 7.29
C GLU B 17 10.88 4.70 6.71
N GLU B 18 11.06 4.82 5.39
CA GLU B 18 12.19 4.21 4.69
C GLU B 18 12.36 2.72 5.03
N SER B 19 11.28 1.96 4.89
CA SER B 19 11.31 0.55 5.25
C SER B 19 12.10 -0.29 4.24
N THR B 20 12.11 0.13 2.98
CA THR B 20 12.83 -0.60 1.95
C THR B 20 14.33 -0.53 2.21
N ALA B 21 14.83 0.66 2.49
CA ALA B 21 16.25 0.83 2.81
C ALA B 21 16.61 0.03 4.05
N LEU B 22 15.70 0.00 5.02
CA LEU B 22 15.90 -0.76 6.24
C LEU B 22 16.02 -2.24 5.92
N ASN B 23 15.06 -2.76 5.16
CA ASN B 23 15.06 -4.15 4.72
C ASN B 23 16.37 -4.51 4.01
N GLU B 24 16.82 -3.64 3.11
CA GLU B 24 18.06 -3.88 2.38
C GLU B 24 19.27 -3.88 3.31
N ARG B 25 19.17 -3.07 4.37
CA ARG B 25 20.27 -2.89 5.30
C ARG B 25 20.45 -4.12 6.20
N ILE B 26 19.34 -4.61 6.76
CA ILE B 26 19.40 -5.66 7.77
C ILE B 26 19.20 -7.07 7.21
N GLY B 27 18.69 -7.16 5.99
CA GLY B 27 18.48 -8.44 5.34
C GLY B 27 17.11 -9.02 5.63
N ASP B 28 16.66 -9.93 4.77
CA ASP B 28 15.32 -10.49 4.86
C ASP B 28 15.06 -11.24 6.17
N ARG B 29 16.05 -12.00 6.67
CA ARG B 29 15.85 -12.76 7.90
C ARG B 29 15.51 -11.82 9.05
N ALA B 30 16.31 -10.78 9.21
CA ALA B 30 16.10 -9.80 10.28
C ALA B 30 14.81 -9.01 10.04
N TRP B 31 14.52 -8.70 8.78
CA TRP B 31 13.33 -7.94 8.42
C TRP B 31 12.05 -8.67 8.79
N VAL B 32 11.98 -9.95 8.45
CA VAL B 32 10.79 -10.75 8.76
C VAL B 32 10.54 -10.80 10.26
N LYS B 33 11.60 -10.92 11.05
CA LYS B 33 11.47 -10.91 12.50
C LYS B 33 11.01 -9.55 13.00
N LEU B 34 11.60 -8.49 12.46
CA LEU B 34 11.26 -7.12 12.83
C LEU B 34 9.79 -6.83 12.56
N ILE B 35 9.33 -7.15 11.35
CA ILE B 35 7.96 -6.82 10.96
C ILE B 35 6.95 -7.70 11.70
N SER B 36 7.35 -8.93 12.01
CA SER B 36 6.53 -9.81 12.82
C SER B 36 6.31 -9.21 14.21
N SER B 37 7.38 -8.73 14.82
CA SER B 37 7.32 -8.09 16.14
CA SER B 37 7.30 -8.10 16.13
C SER B 37 6.49 -6.81 16.09
N HIS B 38 6.68 -6.04 15.02
CA HIS B 38 5.95 -4.78 14.83
C HIS B 38 4.46 -5.05 14.70
N ASP B 39 4.13 -6.08 13.92
CA ASP B 39 2.74 -6.46 13.71
C ASP B 39 2.08 -6.76 15.05
N LYS B 40 2.78 -7.51 15.90
CA LYS B 40 2.23 -7.89 17.19
C LYS B 40 2.05 -6.67 18.09
N LEU B 41 3.02 -5.76 18.06
CA LEU B 41 2.95 -4.55 18.87
C LEU B 41 1.72 -3.71 18.49
N VAL B 42 1.57 -3.44 17.20
CA VAL B 42 0.44 -2.66 16.71
C VAL B 42 -0.89 -3.34 17.04
N SER B 43 -0.98 -4.63 16.74
CA SER B 43 -2.21 -5.38 16.99
CA SER B 43 -2.21 -5.38 16.99
C SER B 43 -2.60 -5.31 18.46
N ASP B 44 -1.64 -5.48 19.35
CA ASP B 44 -1.90 -5.45 20.78
C ASP B 44 -2.41 -4.07 21.23
N LEU B 45 -1.74 -3.01 20.79
CA LEU B 45 -2.11 -1.66 21.19
C LEU B 45 -3.47 -1.23 20.63
N VAL B 46 -3.76 -1.66 19.40
CA VAL B 46 -5.04 -1.35 18.77
C VAL B 46 -6.18 -1.97 19.56
N ARG B 47 -5.98 -3.21 20.03
CA ARG B 47 -7.02 -3.91 20.78
C ARG B 47 -7.23 -3.30 22.16
N ARG B 48 -6.20 -2.63 22.67
CA ARG B 48 -6.31 -1.96 23.96
C ARG B 48 -7.19 -0.72 23.87
N GLN B 49 -7.25 -0.12 22.69
CA GLN B 49 -8.09 1.05 22.45
C GLN B 49 -9.38 0.65 21.71
N SER B 50 -9.72 -0.63 21.81
CA SER B 50 -10.97 -1.15 21.25
C SER B 50 -11.07 -0.90 19.74
N GLY B 51 -9.92 -0.83 19.08
CA GLY B 51 -9.88 -0.68 17.64
C GLY B 51 -9.87 -2.03 16.94
N HIS B 52 -9.82 -1.99 15.61
CA HIS B 52 -9.76 -3.19 14.80
C HIS B 52 -8.78 -3.00 13.65
N VAL B 53 -7.75 -3.84 13.60
CA VAL B 53 -6.83 -3.82 12.46
C VAL B 53 -7.58 -4.40 11.27
N VAL B 54 -7.90 -3.56 10.31
CA VAL B 54 -8.67 -3.99 9.15
C VAL B 54 -7.78 -4.84 8.24
N LYS B 55 -6.58 -4.35 7.98
CA LYS B 55 -5.65 -5.03 7.08
C LYS B 55 -4.26 -4.45 7.19
N SER B 56 -3.25 -5.17 6.71
N SER B 56 -3.27 -5.23 6.77
CA SER B 56 -1.89 -4.67 6.68
CA SER B 56 -1.93 -4.75 6.56
C SER B 56 -1.53 -4.12 5.30
C SER B 56 -1.89 -4.10 5.19
N GLN B 57 -1.63 -2.81 5.14
CA GLN B 57 -1.41 -2.13 3.87
C GLN B 57 0.02 -1.63 3.75
N GLY B 58 0.80 -2.29 2.91
CA GLY B 58 2.19 -1.89 2.68
C GLY B 58 3.08 -2.23 3.86
N ASP B 59 3.96 -1.30 4.23
CA ASP B 59 4.78 -1.47 5.44
C ASP B 59 4.07 -0.90 6.68
N GLY B 60 2.75 -1.02 6.69
CA GLY B 60 1.95 -0.54 7.80
C GLY B 60 0.57 -1.19 7.87
N PHE B 61 -0.35 -0.54 8.57
CA PHE B 61 -1.66 -1.10 8.82
C PHE B 61 -2.75 -0.05 8.65
N MET B 62 -3.93 -0.51 8.22
CA MET B 62 -5.14 0.29 8.27
C MET B 62 -5.93 -0.17 9.48
N VAL B 63 -6.27 0.78 10.34
CA VAL B 63 -6.94 0.48 11.60
C VAL B 63 -8.21 1.31 11.72
N ALA B 64 -9.28 0.69 12.21
CA ALA B 64 -10.56 1.37 12.35
C ALA B 64 -10.95 1.52 13.81
N PHE B 65 -11.43 2.70 14.17
CA PHE B 65 -11.95 2.98 15.51
C PHE B 65 -13.33 3.61 15.40
N ALA B 66 -14.13 3.48 16.45
CA ALA B 66 -15.45 4.09 16.48
C ALA B 66 -15.37 5.57 16.83
N ARG B 67 -14.40 5.91 17.70
CA ARG B 67 -14.27 7.27 18.21
C ARG B 67 -12.86 7.81 17.96
N PRO B 68 -12.75 9.11 17.63
CA PRO B 68 -11.41 9.65 17.31
C PRO B 68 -10.47 9.67 18.52
N GLU B 69 -11.00 9.75 19.73
CA GLU B 69 -10.18 9.74 20.93
C GLU B 69 -9.39 8.43 21.03
N GLN B 70 -10.04 7.33 20.66
CA GLN B 70 -9.42 6.01 20.72
C GLN B 70 -8.25 5.92 19.74
N ALA B 71 -8.45 6.48 18.54
CA ALA B 71 -7.44 6.44 17.50
C ALA B 71 -6.20 7.24 17.92
N VAL B 72 -6.42 8.44 18.46
CA VAL B 72 -5.32 9.29 18.86
C VAL B 72 -4.56 8.68 20.03
N ARG B 73 -5.29 8.16 21.02
CA ARG B 73 -4.67 7.50 22.15
C ARG B 73 -3.82 6.32 21.68
N CYS B 74 -4.32 5.57 20.70
CA CYS B 74 -3.58 4.44 20.14
C CYS B 74 -2.28 4.92 19.49
N GLY B 75 -2.38 5.94 18.65
CA GLY B 75 -1.21 6.51 17.99
C GLY B 75 -0.18 7.00 18.99
N ILE B 76 -0.65 7.65 20.04
CA ILE B 76 0.24 8.16 21.09
C ILE B 76 0.97 7.00 21.75
N GLU B 77 0.24 5.94 22.08
CA GLU B 77 0.85 4.78 22.71
C GLU B 77 1.86 4.09 21.78
N LEU B 78 1.53 3.99 20.50
CA LEU B 78 2.44 3.35 19.56
C LEU B 78 3.76 4.11 19.47
N GLN B 79 3.68 5.43 19.33
CA GLN B 79 4.88 6.25 19.23
C GLN B 79 5.74 6.14 20.50
N ARG B 80 5.08 6.10 21.66
CA ARG B 80 5.78 5.91 22.93
C ARG B 80 6.52 4.56 22.94
N ALA B 81 5.83 3.51 22.52
CA ALA B 81 6.40 2.17 22.53
C ALA B 81 7.59 2.06 21.59
N LEU B 82 7.47 2.69 20.42
CA LEU B 82 8.55 2.64 19.43
C LEU B 82 9.77 3.43 19.91
N ARG B 83 9.53 4.51 20.66
CA ARG B 83 10.62 5.27 21.24
C ARG B 83 11.34 4.46 22.32
N ARG B 84 10.56 3.74 23.12
CA ARG B 84 11.12 2.89 24.17
C ARG B 84 11.93 1.76 23.57
N ASN B 85 11.45 1.20 22.46
CA ASN B 85 12.14 0.12 21.77
C ASN B 85 13.49 0.57 21.22
N ALA B 86 13.52 1.76 20.64
CA ALA B 86 14.75 2.31 20.07
C ALA B 86 15.85 2.40 21.13
N ASN B 87 15.45 2.51 22.38
CA ASN B 87 16.38 2.54 23.50
C ASN B 87 16.40 1.22 24.27
N GLU B 93 16.20 0.39 15.13
CA GLU B 93 15.23 1.44 15.38
C GLU B 93 14.36 1.68 14.16
N ILE B 94 13.05 1.81 14.39
CA ILE B 94 12.12 2.16 13.33
C ILE B 94 11.29 3.38 13.73
N ARG B 95 11.05 4.25 12.75
CA ARG B 95 10.15 5.38 12.93
C ARG B 95 8.95 5.15 12.05
N VAL B 96 7.75 5.43 12.58
N VAL B 96 7.78 5.56 12.54
CA VAL B 96 6.53 5.26 11.81
CA VAL B 96 6.51 5.30 11.87
C VAL B 96 5.79 6.57 11.67
C VAL B 96 5.70 6.58 11.67
N ARG B 97 5.18 6.76 10.51
N ARG B 97 5.14 6.73 10.47
CA ARG B 97 4.25 7.85 10.30
CA ARG B 97 4.23 7.84 10.17
C ARG B 97 2.89 7.35 10.74
C ARG B 97 2.81 7.42 10.53
N ILE B 98 2.09 8.26 11.28
CA ILE B 98 0.71 7.95 11.64
C ILE B 98 -0.21 9.07 11.17
N GLY B 99 -1.26 8.69 10.44
CA GLY B 99 -2.27 9.62 9.98
C GLY B 99 -3.65 9.16 10.42
N ILE B 100 -4.49 10.11 10.80
CA ILE B 100 -5.84 9.80 11.27
C ILE B 100 -6.86 10.72 10.61
N HIS B 101 -7.92 10.12 10.07
CA HIS B 101 -9.01 10.86 9.46
C HIS B 101 -10.31 10.16 9.80
N MET B 102 -11.42 10.88 9.74
CA MET B 102 -12.72 10.30 10.04
C MET B 102 -13.76 10.75 9.02
N GLY B 103 -14.74 9.88 8.79
CA GLY B 103 -15.80 10.15 7.84
C GLY B 103 -16.48 8.85 7.49
N ARG B 104 -17.42 8.91 6.55
CA ARG B 104 -18.11 7.71 6.11
C ARG B 104 -17.29 6.96 5.08
N SER B 105 -17.33 5.63 5.16
CA SER B 105 -16.66 4.79 4.19
C SER B 105 -17.42 3.48 4.06
N VAL B 106 -17.19 2.77 2.96
CA VAL B 106 -17.94 1.57 2.66
C VAL B 106 -17.15 0.33 3.06
N ARG B 107 -17.81 -0.59 3.76
CA ARG B 107 -17.19 -1.84 4.17
C ARG B 107 -17.37 -2.88 3.08
N ARG B 108 -16.29 -3.58 2.76
CA ARG B 108 -16.34 -4.70 1.82
C ARG B 108 -15.46 -5.83 2.35
N GLY B 109 -16.09 -6.80 3.00
CA GLY B 109 -15.36 -7.88 3.65
C GLY B 109 -14.45 -7.34 4.73
N ASP B 110 -13.16 -7.64 4.61
CA ASP B 110 -12.16 -7.18 5.56
C ASP B 110 -11.43 -5.97 5.00
N ASP B 111 -12.20 -5.00 4.50
CA ASP B 111 -11.61 -3.80 3.91
C ASP B 111 -12.60 -2.63 3.97
N LEU B 112 -12.06 -1.43 3.84
CA LEU B 112 -12.86 -0.22 3.75
C LEU B 112 -12.53 0.50 2.45
N PHE B 113 -13.56 1.01 1.78
CA PHE B 113 -13.38 1.70 0.51
C PHE B 113 -14.06 3.07 0.54
N GLY B 114 -13.54 3.99 -0.25
CA GLY B 114 -14.11 5.32 -0.36
C GLY B 114 -13.06 6.40 -0.24
N ARG B 115 -13.45 7.62 -0.61
CA ARG B 115 -12.53 8.75 -0.64
C ARG B 115 -11.93 9.07 0.73
N ASN B 116 -12.65 8.76 1.79
CA ASN B 116 -12.15 9.06 3.14
C ASN B 116 -11.08 8.07 3.58
N VAL B 117 -11.07 6.90 2.97
CA VAL B 117 -9.99 5.94 3.20
C VAL B 117 -8.73 6.47 2.52
N ALA B 118 -8.87 6.91 1.28
CA ALA B 118 -7.76 7.49 0.54
C ALA B 118 -7.24 8.73 1.24
N MET B 119 -8.16 9.52 1.80
CA MET B 119 -7.81 10.73 2.54
CA MET B 119 -7.76 10.72 2.51
C MET B 119 -6.92 10.37 3.74
N ALA B 120 -7.35 9.39 4.51
CA ALA B 120 -6.62 8.96 5.69
C ALA B 120 -5.21 8.52 5.31
N ALA B 121 -5.08 7.85 4.16
CA ALA B 121 -3.79 7.37 3.71
C ALA B 121 -2.85 8.52 3.38
N ARG B 122 -3.39 9.58 2.78
CA ARG B 122 -2.59 10.74 2.42
C ARG B 122 -2.21 11.58 3.64
N VAL B 123 -3.07 11.61 4.65
CA VAL B 123 -2.74 12.28 5.90
C VAL B 123 -1.52 11.60 6.53
N ALA B 124 -1.52 10.27 6.54
CA ALA B 124 -0.39 9.51 7.07
C ALA B 124 0.87 9.78 6.25
N ALA B 125 0.70 9.87 4.93
CA ALA B 125 1.84 10.09 4.04
C ALA B 125 2.47 11.46 4.27
N GLN B 126 1.69 12.39 4.80
CA GLN B 126 2.17 13.75 5.07
C GLN B 126 2.97 13.80 6.37
N ALA B 127 2.75 12.83 7.25
CA ALA B 127 3.38 12.84 8.57
C ALA B 127 4.85 12.45 8.48
N ALA B 128 5.65 13.04 9.35
CA ALA B 128 7.05 12.65 9.48
C ALA B 128 7.12 11.37 10.29
N GLY B 129 8.26 10.68 10.20
CA GLY B 129 8.51 9.55 11.07
C GLY B 129 8.46 10.03 12.52
N GLY B 130 7.68 9.35 13.34
CA GLY B 130 7.55 9.70 14.75
C GLY B 130 6.41 10.68 15.03
N GLU B 131 5.73 11.10 13.97
CA GLU B 131 4.68 12.11 14.08
C GLU B 131 3.30 11.50 13.89
N ILE B 132 2.31 12.06 14.58
CA ILE B 132 0.90 11.72 14.35
C ILE B 132 0.19 12.92 13.79
N LEU B 133 -0.30 12.83 12.56
CA LEU B 133 -1.09 13.90 11.96
C LEU B 133 -2.55 13.50 11.90
N VAL B 134 -3.43 14.46 12.17
CA VAL B 134 -4.86 14.24 12.04
C VAL B 134 -5.46 15.31 11.13
N SER B 135 -6.56 14.96 10.47
CA SER B 135 -7.26 15.91 9.62
C SER B 135 -8.07 16.88 10.47
N GLN B 136 -8.55 17.94 9.83
CA GLN B 136 -9.29 18.99 10.53
C GLN B 136 -10.52 18.44 11.26
N PRO B 137 -11.30 17.56 10.62
CA PRO B 137 -12.47 17.02 11.31
C PRO B 137 -12.13 16.27 12.60
N VAL B 138 -11.01 15.55 12.62
CA VAL B 138 -10.58 14.85 13.82
C VAL B 138 -10.17 15.84 14.90
N ARG B 139 -9.39 16.85 14.52
CA ARG B 139 -8.95 17.88 15.46
C ARG B 139 -10.14 18.62 16.06
N ASP B 140 -11.11 18.96 15.21
CA ASP B 140 -12.31 19.67 15.65
C ASP B 140 -13.13 18.81 16.61
N ALA B 141 -13.20 17.52 16.32
CA ALA B 141 -13.97 16.59 17.15
C ALA B 141 -13.34 16.45 18.54
N LEU B 142 -12.04 16.73 18.63
CA LEU B 142 -11.30 16.63 19.89
C LEU B 142 -10.88 18.00 20.40
N SER B 143 -11.62 19.03 19.97
CA SER B 143 -11.32 20.40 20.34
C SER B 143 -11.41 20.62 21.84
N ARG B 144 -12.28 19.85 22.50
CA ARG B 144 -12.52 20.02 23.92
C ARG B 144 -12.08 18.83 24.77
N SER B 145 -11.03 18.14 24.32
CA SER B 145 -10.46 17.04 25.09
C SER B 145 -9.54 17.58 26.17
N ASP B 146 -9.69 17.05 27.39
CA ASP B 146 -8.92 17.52 28.53
C ASP B 146 -7.51 16.92 28.56
N GLY B 147 -7.20 16.05 27.61
CA GLY B 147 -5.94 15.35 27.59
C GLY B 147 -5.17 15.44 26.29
N ILE B 148 -5.90 15.55 25.17
CA ILE B 148 -5.27 15.59 23.85
C ILE B 148 -5.00 17.02 23.42
N ARG B 149 -3.80 17.25 22.90
CA ARG B 149 -3.37 18.57 22.48
C ARG B 149 -2.80 18.52 21.07
N PHE B 150 -3.06 19.57 20.30
CA PHE B 150 -2.60 19.67 18.91
C PHE B 150 -1.78 20.94 18.71
N ASP B 151 -1.00 20.97 17.62
CA ASP B 151 -0.34 22.21 17.22
C ASP B 151 -1.34 23.08 16.46
N ASP B 152 -0.87 24.17 15.87
CA ASP B 152 -1.75 25.09 15.15
C ASP B 152 -2.07 24.57 13.74
N GLY B 153 -1.46 23.46 13.36
CA GLY B 153 -1.71 22.85 12.07
C GLY B 153 -0.94 23.51 10.94
N ARG B 154 -0.84 22.80 9.82
CA ARG B 154 -0.21 23.34 8.62
C ARG B 154 -1.02 22.96 7.38
N GLU B 155 -1.01 23.83 6.39
CA GLU B 155 -1.78 23.63 5.18
C GLU B 155 -1.03 22.82 4.14
N VAL B 156 -1.71 21.87 3.53
CA VAL B 156 -1.15 21.04 2.47
C VAL B 156 -2.21 20.78 1.42
N GLU B 157 -1.78 20.28 0.26
CA GLU B 157 -2.68 19.70 -0.71
C GLU B 157 -2.41 18.21 -0.76
N LEU B 158 -3.48 17.43 -0.85
CA LEU B 158 -3.38 15.97 -0.81
C LEU B 158 -3.61 15.39 -2.19
N LYS B 159 -2.78 14.42 -2.56
CA LYS B 159 -2.85 13.82 -3.89
C LYS B 159 -4.25 13.29 -4.19
N GLY B 160 -4.78 13.71 -5.33
CA GLY B 160 -6.08 13.23 -5.80
C GLY B 160 -7.25 14.08 -5.35
N PHE B 161 -6.99 15.01 -4.43
CA PHE B 161 -8.03 15.86 -3.87
C PHE B 161 -7.84 17.32 -4.28
N SER B 162 -8.95 18.02 -4.47
CA SER B 162 -8.92 19.44 -4.81
C SER B 162 -8.91 20.28 -3.53
N GLY B 163 -8.31 21.47 -3.62
CA GLY B 163 -8.30 22.39 -2.50
C GLY B 163 -7.16 22.14 -1.53
N THR B 164 -7.19 22.86 -0.40
CA THR B 164 -6.15 22.75 0.62
CA THR B 164 -6.15 22.74 0.61
C THR B 164 -6.72 22.12 1.88
N TYR B 165 -5.87 21.42 2.62
CA TYR B 165 -6.28 20.76 3.85
C TYR B 165 -5.31 21.10 4.98
N ARG B 166 -5.86 21.35 6.16
CA ARG B 166 -5.04 21.66 7.32
C ARG B 166 -4.90 20.42 8.19
N LEU B 167 -3.65 20.01 8.40
CA LEU B 167 -3.35 18.83 9.20
C LEU B 167 -2.68 19.23 10.50
N PHE B 168 -3.05 18.55 11.58
CA PHE B 168 -2.62 18.91 12.93
C PHE B 168 -1.79 17.80 13.56
N ALA B 169 -0.65 18.17 14.14
CA ALA B 169 0.20 17.22 14.85
C ALA B 169 -0.25 17.06 16.29
N VAL B 170 -0.26 15.83 16.77
CA VAL B 170 -0.59 15.54 18.15
C VAL B 170 0.62 15.83 19.04
N LEU B 171 0.38 16.61 20.09
CA LEU B 171 1.43 16.95 21.04
C LEU B 171 1.25 16.16 22.33
N ALA B 172 2.00 15.08 22.47
CA ALA B 172 1.93 14.23 23.66
C ALA B 172 2.89 14.72 24.73
N SER B 173 2.58 14.44 25.98
CA SER B 173 3.41 14.87 27.11
C SER B 173 4.73 14.10 27.14
CA CA C . -3.05 4.00 -7.46
PG GTP D . 8.84 5.72 2.64
O1G GTP D . 9.55 6.47 3.73
O2G GTP D . 8.47 6.68 1.53
O3G GTP D . 7.59 5.08 3.19
O3B GTP D . 9.85 4.59 2.07
PB GTP D . 9.43 3.04 2.00
O1B GTP D . 8.88 2.57 3.31
O2B GTP D . 10.62 2.21 1.59
O3A GTP D . 8.32 3.06 0.83
PA GTP D . 6.94 2.21 0.82
O1A GTP D . 6.17 2.48 2.09
O2A GTP D . 6.10 2.58 -0.38
O5' GTP D . 7.33 0.65 0.74
C5' GTP D . 6.38 -0.26 0.23
C4' GTP D . 6.27 -1.56 1.03
O4' GTP D . 4.92 -1.96 1.11
C3' GTP D . 7.02 -2.70 0.34
O3' GTP D . 8.15 -3.09 1.10
C2' GTP D . 6.04 -3.84 0.20
O2' GTP D . 6.54 -5.01 0.81
C1' GTP D . 4.76 -3.35 0.88
N9 GTP D . 3.56 -3.60 0.07
C8 GTP D . 2.69 -4.64 0.22
N7 GTP D . 1.70 -4.53 -0.68
C5 GTP D . 1.91 -3.41 -1.42
C6 GTP D . 1.20 -2.83 -2.47
O6 GTP D . 0.17 -3.36 -2.88
N1 GTP D . 1.66 -1.67 -3.03
C2 GTP D . 2.82 -1.08 -2.56
N2 GTP D . 3.26 0.05 -3.12
N3 GTP D . 3.51 -1.66 -1.52
C4 GTP D . 3.07 -2.81 -0.95
H4' GTP D . 6.69 -1.41 2.02
H3' GTP D . 7.33 -2.37 -0.65
HO3' GTP D . 8.03 -4.02 1.38
H2' GTP D . 5.83 -4.01 -0.86
HO2' GTP D . 5.93 -5.33 1.49
H1' GTP D . 4.66 -3.85 1.84
H8 GTP D . 2.78 -5.44 0.97
HN1 GTP D . 1.09 -1.18 -3.76
HN21 GTP D . 4.11 0.48 -2.77
HN22 GTP D . 2.74 0.47 -3.88
PG GTP E . -1.40 7.19 -8.31
O1G GTP E . -0.14 7.78 -7.70
O2G GTP E . -1.51 5.74 -7.94
O3G GTP E . -1.36 7.31 -9.81
O3B GTP E . -2.68 8.00 -7.75
PB GTP E . -3.64 7.35 -6.64
O1B GTP E . -4.74 8.33 -6.31
O2B GTP E . -4.21 6.04 -7.15
O3A GTP E . -2.66 7.19 -5.37
PA GTP E . -2.43 5.89 -4.46
O1A GTP E . -1.18 6.07 -3.64
O2A GTP E . -2.33 4.65 -5.30
O5' GTP E . -3.71 5.77 -3.49
C5' GTP E . -3.71 4.72 -2.55
C4' GTP E . -5.04 3.98 -2.48
O4' GTP E . -4.84 2.74 -1.84
C3' GTP E . -6.05 4.75 -1.65
O3' GTP E . -7.33 4.70 -2.24
C2' GTP E . -6.07 4.03 -0.31
O2' GTP E . -7.36 4.06 0.27
C1' GTP E . -5.62 2.62 -0.66
N9 GTP E . -4.83 1.99 0.41
C8 GTP E . -5.20 0.86 1.11
N7 GTP E . -4.22 0.59 2.01
C5 GTP E . -3.24 1.51 1.89
C6 GTP E . -2.04 1.69 2.56
O6 GTP E . -1.71 0.90 3.44
N1 GTP E . -1.23 2.74 2.23
C2 GTP E . -1.61 3.61 1.23
N2 GTP E . -0.80 4.63 0.91
N3 GTP E . -2.80 3.44 0.57
C4 GTP E . -3.61 2.41 0.88
H4' GTP E . -5.43 3.83 -3.49
H3' GTP E . -5.72 5.77 -1.51
HO3' GTP E . -7.95 4.21 -1.65
H2' GTP E . -5.35 4.49 0.35
HO2' GTP E . -7.70 3.15 0.36
H1' GTP E . -6.51 2.01 -0.87
H8 GTP E . -6.11 0.29 0.97
HN1 GTP E . -0.35 2.91 2.77
HN21 GTP E . -1.07 5.28 0.18
HN22 GTP E . 0.07 4.75 1.40
CA CA F . 6.78 3.13 4.29
CL CL G . -0.41 13.75 -0.27
#